data_1CBG
#
_entry.id   1CBG
#
_cell.length_a   70.326
_cell.length_b   70.326
_cell.length_c   249.096
_cell.angle_alpha   90.00
_cell.angle_beta   90.00
_cell.angle_gamma   90.00
#
_symmetry.space_group_name_H-M   'P 41 21 2'
#
loop_
_entity.id
_entity.type
_entity.pdbx_description
1 polymer 'CYANOGENIC BETA-GLUCOSIDASE'
2 water water
#
_entity_poly.entity_id   1
_entity_poly.type   'polypeptide(L)'
_entity_poly.pdbx_seq_one_letter_code
;FKPLPISFDDFSDLNRSCFAPGFVFGTASSAFQYEGAAFEDGKGPSIWDTFTHKYPEKIKDRTNGDVAIDEYHRYKEDIG
IMKDMNLDAYRFSISWPRVLPKGKLSGGVNREGINYYNNLINEVLANGMQPYVTLFHWDVPQALEDEYRGFLGRNIVDDF
RDYAELCFKEFGDRVKHWITLNEPWGVSMNAYAYGTFAPGRCSDWLKLNCTGGDSGREPYLAAHYQLLAHAAAARLYKTK
YQASQNGIIGITLVSHWFEPASKEKADVDAAKRGLDFMLGWFMHPLTKGRYPESMRYLVRKRLPKFSTEESKELTGSFDF
LGLNYYSSYYAAKAPRIPNARPAIQTDSLINATFEHNGKPLGPMAASSWLCIYPQGIRKLLLYVKNHYNNPVIYITENGR
NEFNDPTLSLQESLLDTPRIDYYYRHLYYVLTAIGDGVNVKGYFAWSLFDNMEWDSGYTVRFGLVFVDFKNNLKRHPKLS
AHWFKSFLKK
;
_entity_poly.pdbx_strand_id   A
#
# COMPACT_ATOMS: atom_id res chain seq x y z
N PHE A 1 19.85 15.72 -14.00
CA PHE A 1 19.94 14.34 -14.53
C PHE A 1 21.29 14.18 -15.24
N LYS A 2 21.84 13.02 -15.03
CA LYS A 2 23.11 12.56 -15.64
C LYS A 2 22.93 11.02 -15.67
N PRO A 3 23.10 10.50 -16.88
CA PRO A 3 22.93 9.08 -17.17
C PRO A 3 23.79 8.13 -16.34
N LEU A 4 23.59 6.85 -16.61
CA LEU A 4 24.26 5.71 -16.02
C LEU A 4 25.26 5.09 -16.99
N PRO A 5 26.47 4.87 -16.50
CA PRO A 5 27.53 4.26 -17.32
C PRO A 5 27.21 2.78 -17.60
N ILE A 6 26.42 2.37 -18.47
CA ILE A 6 25.95 1.02 -18.79
C ILE A 6 25.91 1.00 -20.35
N SER A 7 25.22 0.97 -20.81
CA SER A 7 25.23 0.87 -22.29
C SER A 7 24.26 -0.18 -22.89
N PHE A 8 23.27 -0.15 -22.56
CA PHE A 8 22.07 -0.96 -22.87
C PHE A 8 22.12 -1.43 -24.32
N ASP A 9 23.23 -2.09 -24.63
CA ASP A 9 23.51 -2.68 -25.95
C ASP A 9 22.70 -3.96 -26.16
N ASP A 10 22.23 -4.65 -25.16
CA ASP A 10 21.41 -5.83 -25.21
C ASP A 10 20.36 -5.52 -24.14
N PHE A 11 19.24 -6.19 -24.29
CA PHE A 11 18.03 -6.20 -23.46
C PHE A 11 18.34 -6.79 -22.08
N SER A 12 19.24 -7.75 -22.02
CA SER A 12 19.76 -8.45 -20.86
C SER A 12 20.79 -7.68 -20.01
N ASP A 13 21.13 -6.46 -20.37
CA ASP A 13 22.03 -5.53 -19.71
C ASP A 13 21.38 -4.93 -18.45
N LEU A 14 20.07 -4.92 -18.36
CA LEU A 14 19.38 -4.46 -17.17
C LEU A 14 19.06 -5.72 -16.34
N ASN A 15 19.81 -5.88 -15.28
CA ASN A 15 19.66 -7.02 -14.34
C ASN A 15 20.09 -6.57 -12.95
N ARG A 16 19.98 -7.48 -11.98
CA ARG A 16 20.30 -7.26 -10.55
C ARG A 16 21.73 -6.89 -10.22
N SER A 17 22.71 -7.09 -11.09
CA SER A 17 24.11 -6.73 -10.93
C SER A 17 24.32 -5.23 -11.09
N CYS A 18 23.36 -4.48 -11.61
CA CYS A 18 23.29 -3.05 -11.78
C CYS A 18 23.06 -2.36 -10.42
N PHE A 19 22.44 -3.05 -9.49
CA PHE A 19 22.12 -2.63 -8.12
C PHE A 19 23.21 -3.16 -7.18
N ALA A 20 23.32 -2.52 -6.01
CA ALA A 20 24.33 -2.98 -5.01
C ALA A 20 23.99 -4.42 -4.68
N PRO A 21 25.01 -5.21 -4.32
CA PRO A 21 24.86 -6.63 -3.97
C PRO A 21 23.90 -6.96 -2.85
N GLY A 22 23.70 -6.07 -1.90
CA GLY A 22 22.84 -6.06 -0.75
C GLY A 22 21.44 -5.52 -1.02
N PHE A 23 21.14 -4.98 -2.18
CA PHE A 23 19.80 -4.47 -2.53
C PHE A 23 18.80 -5.63 -2.40
N VAL A 24 17.62 -5.43 -1.84
CA VAL A 24 16.61 -6.47 -1.65
C VAL A 24 15.51 -6.50 -2.73
N PHE A 25 15.29 -7.65 -3.34
CA PHE A 25 14.23 -7.76 -4.36
C PHE A 25 13.19 -8.75 -3.83
N GLY A 26 11.93 -8.33 -3.78
CA GLY A 26 10.86 -9.22 -3.29
C GLY A 26 9.54 -8.93 -3.97
N THR A 27 8.45 -9.48 -3.45
CA THR A 27 7.08 -9.31 -3.92
C THR A 27 6.19 -9.04 -2.68
N ALA A 28 5.07 -8.37 -2.91
CA ALA A 28 4.12 -8.01 -1.85
C ALA A 28 2.69 -8.51 -2.08
N SER A 29 2.00 -8.61 -0.94
CA SER A 29 0.60 -9.05 -0.84
C SER A 29 -0.06 -8.57 0.46
N SER A 30 -1.31 -8.93 0.62
CA SER A 30 -2.11 -8.61 1.80
C SER A 30 -2.93 -9.88 2.13
N ALA A 31 -3.35 -9.93 3.39
CA ALA A 31 -4.12 -11.03 3.96
C ALA A 31 -5.47 -11.20 3.31
N PHE A 32 -6.26 -10.15 3.15
CA PHE A 32 -7.59 -10.23 2.53
C PHE A 32 -7.53 -10.66 1.06
N GLN A 33 -6.54 -10.19 0.32
CA GLN A 33 -6.38 -10.49 -1.11
C GLN A 33 -5.84 -11.87 -1.42
N TYR A 34 -5.05 -12.44 -0.53
CA TYR A 34 -4.43 -13.75 -0.76
C TYR A 34 -4.83 -14.97 0.07
N GLU A 35 -5.02 -14.80 1.37
CA GLU A 35 -5.28 -15.96 2.25
C GLU A 35 -6.46 -16.89 2.05
N GLY A 36 -7.68 -16.42 1.92
CA GLY A 36 -8.84 -17.35 1.82
C GLY A 36 -9.13 -17.74 3.26
N ALA A 37 -9.76 -18.88 3.51
CA ALA A 37 -10.07 -19.32 4.88
C ALA A 37 -10.59 -18.23 5.81
N ALA A 38 -11.59 -17.47 5.38
CA ALA A 38 -12.20 -16.32 6.03
C ALA A 38 -12.94 -16.60 7.33
N PHE A 39 -13.50 -17.79 7.45
CA PHE A 39 -14.27 -18.28 8.59
C PHE A 39 -13.59 -19.48 9.24
N GLU A 40 -12.44 -19.91 8.76
CA GLU A 40 -11.75 -21.10 9.25
C GLU A 40 -10.73 -20.95 10.36
N ASP A 41 -10.61 -22.03 11.11
CA ASP A 41 -9.66 -22.19 12.22
C ASP A 41 -9.69 -21.05 13.25
N GLY A 42 -10.89 -20.67 13.68
CA GLY A 42 -11.13 -19.62 14.64
C GLY A 42 -11.00 -18.18 14.23
N LYS A 43 -10.93 -17.82 12.96
CA LYS A 43 -10.81 -16.41 12.56
C LYS A 43 -12.15 -15.72 12.71
N GLY A 44 -12.12 -14.47 13.11
CA GLY A 44 -13.29 -13.58 13.25
C GLY A 44 -13.36 -12.71 12.00
N PRO A 45 -14.55 -12.15 11.79
CA PRO A 45 -14.80 -11.31 10.59
C PRO A 45 -14.19 -9.93 10.63
N SER A 46 -13.73 -9.47 9.46
CA SER A 46 -13.17 -8.13 9.26
C SER A 46 -14.30 -7.33 8.60
N ILE A 47 -14.10 -6.01 8.46
CA ILE A 47 -15.07 -5.12 7.81
C ILE A 47 -15.22 -5.35 6.30
N TRP A 48 -14.22 -5.90 5.66
CA TRP A 48 -14.15 -6.27 4.25
C TRP A 48 -14.97 -7.55 4.03
N ASP A 49 -15.00 -8.44 5.01
CA ASP A 49 -15.80 -9.66 5.00
C ASP A 49 -17.28 -9.24 4.94
N THR A 50 -17.63 -8.39 5.89
CA THR A 50 -18.97 -7.82 6.03
C THR A 50 -19.46 -7.02 4.82
N PHE A 51 -18.63 -6.11 4.32
CA PHE A 51 -18.92 -5.22 3.19
C PHE A 51 -19.29 -5.95 1.90
N THR A 52 -18.49 -6.94 1.54
CA THR A 52 -18.73 -7.73 0.31
C THR A 52 -19.99 -8.58 0.36
N HIS A 53 -20.34 -9.19 1.48
CA HIS A 53 -21.54 -10.04 1.54
C HIS A 53 -22.83 -9.26 1.77
N LYS A 54 -22.69 -8.15 2.48
CA LYS A 54 -23.86 -7.31 2.77
C LYS A 54 -24.29 -6.52 1.55
N TYR A 55 -23.31 -5.97 0.82
CA TYR A 55 -23.46 -5.16 -0.38
C TYR A 55 -22.66 -5.67 -1.56
N PRO A 56 -23.18 -6.72 -2.21
CA PRO A 56 -22.54 -7.34 -3.39
C PRO A 56 -22.52 -6.41 -4.59
N GLU A 57 -23.42 -5.44 -4.69
CA GLU A 57 -23.55 -4.41 -5.71
C GLU A 57 -22.51 -3.31 -5.60
N LYS A 58 -21.69 -3.24 -4.57
CA LYS A 58 -20.60 -2.32 -4.30
C LYS A 58 -19.28 -2.86 -4.83
N ILE A 59 -19.29 -4.10 -5.27
CA ILE A 59 -18.21 -4.85 -5.90
C ILE A 59 -18.54 -4.97 -7.40
N LYS A 60 -17.63 -4.57 -8.27
CA LYS A 60 -17.83 -4.60 -9.73
C LYS A 60 -18.39 -5.91 -10.28
N ASP A 61 -17.85 -7.04 -9.90
CA ASP A 61 -18.32 -8.35 -10.36
C ASP A 61 -19.11 -9.12 -9.31
N ARG A 62 -19.46 -8.48 -8.19
CA ARG A 62 -20.24 -9.04 -7.08
C ARG A 62 -19.61 -10.30 -6.47
N THR A 63 -18.32 -10.23 -6.19
CA THR A 63 -17.49 -11.30 -5.65
C THR A 63 -17.04 -11.05 -4.22
N ASN A 64 -16.28 -12.01 -3.68
CA ASN A 64 -15.80 -11.88 -2.29
C ASN A 64 -14.46 -12.58 -2.10
N GLY A 65 -13.96 -12.40 -0.86
CA GLY A 65 -12.67 -12.94 -0.44
C GLY A 65 -12.70 -14.17 0.44
N ASP A 66 -13.76 -14.96 0.37
CA ASP A 66 -13.89 -16.18 1.18
C ASP A 66 -12.79 -17.19 0.89
N VAL A 67 -12.49 -17.41 -0.40
CA VAL A 67 -11.46 -18.32 -0.88
C VAL A 67 -10.27 -17.55 -1.48
N ALA A 68 -10.49 -16.46 -2.19
CA ALA A 68 -9.36 -15.71 -2.79
C ALA A 68 -8.48 -16.68 -3.55
N ILE A 69 -7.16 -16.68 -3.32
CA ILE A 69 -6.24 -17.63 -3.98
C ILE A 69 -5.82 -18.77 -3.05
N ASP A 70 -6.49 -18.88 -1.91
CA ASP A 70 -6.24 -19.91 -0.89
C ASP A 70 -4.77 -20.08 -0.49
N GLU A 71 -4.05 -19.01 -0.13
CA GLU A 71 -2.65 -19.09 0.33
C GLU A 71 -2.56 -19.78 1.69
N TYR A 72 -3.63 -19.74 2.50
CA TYR A 72 -3.80 -20.39 3.79
C TYR A 72 -3.40 -21.87 3.70
N HIS A 73 -3.92 -22.57 2.68
CA HIS A 73 -3.61 -23.97 2.43
C HIS A 73 -2.53 -24.18 1.37
N ARG A 74 -2.21 -23.17 0.58
CA ARG A 74 -1.23 -23.30 -0.51
C ARG A 74 0.08 -22.60 -0.31
N TYR A 75 0.39 -22.11 0.87
CA TYR A 75 1.63 -21.38 1.13
C TYR A 75 2.92 -22.10 0.79
N LYS A 76 3.07 -23.40 0.86
CA LYS A 76 4.30 -24.12 0.50
C LYS A 76 4.58 -24.04 -0.99
N GLU A 77 3.57 -24.19 -1.83
CA GLU A 77 3.69 -24.05 -3.29
C GLU A 77 4.05 -22.62 -3.65
N ASP A 78 3.44 -21.62 -3.04
CA ASP A 78 3.68 -20.19 -3.28
C ASP A 78 5.12 -19.77 -2.98
N ILE A 79 5.69 -20.25 -1.88
CA ILE A 79 7.07 -19.98 -1.46
C ILE A 79 8.05 -20.69 -2.40
N GLY A 80 7.66 -21.87 -2.87
CA GLY A 80 8.40 -22.70 -3.83
C GLY A 80 8.64 -21.89 -5.11
N ILE A 81 7.62 -21.22 -5.63
CA ILE A 81 7.69 -20.37 -6.83
C ILE A 81 8.70 -19.25 -6.62
N MET A 82 8.58 -18.55 -5.49
CA MET A 82 9.47 -17.47 -5.04
C MET A 82 10.92 -17.96 -5.01
N LYS A 83 11.19 -19.12 -4.43
CA LYS A 83 12.55 -19.67 -4.37
C LYS A 83 13.08 -19.93 -5.78
N ASP A 84 12.29 -20.52 -6.68
CA ASP A 84 12.66 -20.79 -8.08
C ASP A 84 13.00 -19.49 -8.82
N MET A 85 12.32 -18.39 -8.56
CA MET A 85 12.48 -17.05 -9.10
C MET A 85 13.65 -16.27 -8.55
N ASN A 86 14.42 -16.74 -7.60
CA ASN A 86 15.62 -16.10 -7.02
C ASN A 86 15.29 -14.85 -6.18
N LEU A 87 14.12 -14.73 -5.58
CA LEU A 87 13.74 -13.57 -4.77
C LEU A 87 14.47 -13.58 -3.42
N ASP A 88 14.58 -12.41 -2.84
CA ASP A 88 15.25 -12.16 -1.57
C ASP A 88 14.32 -12.05 -0.37
N ALA A 89 13.09 -11.65 -0.64
CA ALA A 89 12.10 -11.40 0.42
C ALA A 89 10.67 -11.48 -0.02
N TYR A 90 9.78 -11.49 0.98
CA TYR A 90 8.32 -11.52 0.80
C TYR A 90 7.67 -10.55 1.78
N ARG A 91 6.85 -9.67 1.28
CA ARG A 91 6.08 -8.69 2.08
C ARG A 91 4.64 -9.21 2.09
N PHE A 92 4.14 -9.50 3.29
CA PHE A 92 2.79 -10.04 3.51
C PHE A 92 2.21 -9.32 4.75
N SER A 93 0.93 -9.51 4.98
CA SER A 93 0.30 -8.89 6.17
C SER A 93 -0.30 -9.98 7.06
N ILE A 94 -0.47 -9.59 8.31
CA ILE A 94 -1.10 -10.39 9.37
C ILE A 94 -2.53 -9.85 9.51
N SER A 95 -3.48 -10.76 9.52
CA SER A 95 -4.89 -10.43 9.71
C SER A 95 -5.16 -10.22 11.21
N TRP A 96 -5.52 -9.02 11.60
CA TRP A 96 -5.86 -8.65 12.99
C TRP A 96 -6.90 -9.60 13.57
N PRO A 97 -8.09 -9.74 12.94
CA PRO A 97 -9.13 -10.66 13.37
C PRO A 97 -8.83 -12.14 13.28
N ARG A 98 -7.75 -12.63 12.69
CA ARG A 98 -7.36 -14.03 12.63
C ARG A 98 -6.66 -14.41 13.95
N VAL A 99 -5.87 -13.50 14.51
CA VAL A 99 -5.17 -13.73 15.77
C VAL A 99 -6.01 -13.28 16.99
N LEU A 100 -6.83 -12.27 16.87
CA LEU A 100 -7.70 -11.73 17.92
C LEU A 100 -9.07 -11.55 17.29
N PRO A 101 -9.90 -12.61 17.33
CA PRO A 101 -11.22 -12.64 16.72
C PRO A 101 -12.22 -11.56 17.10
N LYS A 102 -12.11 -11.01 18.30
CA LYS A 102 -12.95 -9.93 18.81
C LYS A 102 -12.19 -8.62 18.86
N GLY A 103 -11.03 -8.49 18.26
CA GLY A 103 -10.20 -7.29 18.22
C GLY A 103 -9.38 -7.01 19.48
N LYS A 104 -10.07 -6.84 20.60
CA LYS A 104 -9.53 -6.59 21.93
C LYS A 104 -8.77 -7.81 22.41
N LEU A 105 -7.79 -7.57 23.28
CA LEU A 105 -6.98 -8.62 23.90
C LEU A 105 -7.77 -9.43 24.92
N SER A 106 -8.80 -8.86 25.51
CA SER A 106 -9.71 -9.48 26.48
C SER A 106 -10.83 -10.29 25.82
N GLY A 107 -10.90 -10.41 24.51
CA GLY A 107 -11.84 -11.14 23.68
C GLY A 107 -11.27 -12.55 23.40
N GLY A 108 -9.98 -12.70 23.60
CA GLY A 108 -9.24 -13.93 23.41
C GLY A 108 -8.32 -13.92 22.19
N VAL A 109 -7.27 -14.69 22.34
CA VAL A 109 -6.19 -14.91 21.37
C VAL A 109 -6.49 -16.26 20.68
N ASN A 110 -6.50 -16.22 19.37
CA ASN A 110 -6.72 -17.43 18.56
C ASN A 110 -5.36 -18.10 18.35
N ARG A 111 -5.19 -19.21 19.03
CA ARG A 111 -3.95 -20.00 18.96
C ARG A 111 -3.66 -20.61 17.58
N GLU A 112 -4.35 -21.12 16.90
CA GLU A 112 -4.47 -21.64 15.54
C GLU A 112 -4.15 -20.55 14.52
N GLY A 113 -4.55 -19.34 14.88
CA GLY A 113 -4.27 -18.14 14.07
C GLY A 113 -2.77 -17.89 14.17
N ILE A 114 -2.22 -17.91 15.39
CA ILE A 114 -0.80 -17.73 15.71
C ILE A 114 0.04 -18.80 15.01
N ASN A 115 -0.38 -20.06 14.99
CA ASN A 115 0.26 -21.19 14.34
C ASN A 115 0.42 -21.02 12.82
N TYR A 116 -0.56 -20.46 12.11
CA TYR A 116 -0.49 -20.21 10.67
C TYR A 116 0.69 -19.28 10.35
N TYR A 117 0.75 -18.13 11.03
CA TYR A 117 1.86 -17.17 10.80
C TYR A 117 3.19 -17.79 11.20
N ASN A 118 3.28 -18.61 12.23
CA ASN A 118 4.54 -19.30 12.57
C ASN A 118 4.95 -20.19 11.38
N ASN A 119 4.06 -20.98 10.80
CA ASN A 119 4.33 -21.85 9.66
C ASN A 119 4.79 -21.05 8.43
N LEU A 120 4.13 -19.97 8.10
CA LEU A 120 4.44 -19.07 6.98
C LEU A 120 5.83 -18.43 7.10
N ILE A 121 6.13 -17.84 8.26
CA ILE A 121 7.40 -17.20 8.62
C ILE A 121 8.56 -18.20 8.51
N ASN A 122 8.41 -19.38 9.08
CA ASN A 122 9.43 -20.45 9.04
C ASN A 122 9.63 -20.94 7.59
N GLU A 123 8.58 -21.02 6.78
CA GLU A 123 8.69 -21.42 5.37
C GLU A 123 9.48 -20.37 4.60
N VAL A 124 9.16 -19.09 4.75
CA VAL A 124 9.88 -17.98 4.08
C VAL A 124 11.37 -18.10 4.38
N LEU A 125 11.77 -18.14 5.66
CA LEU A 125 13.16 -18.24 6.10
C LEU A 125 13.87 -19.52 5.70
N ALA A 126 13.20 -20.66 5.65
CA ALA A 126 13.72 -21.95 5.23
C ALA A 126 14.07 -22.04 3.74
N ASN A 127 13.48 -21.18 2.93
CA ASN A 127 13.63 -21.01 1.50
C ASN A 127 14.51 -19.82 1.15
N GLY A 128 15.41 -19.43 2.05
CA GLY A 128 16.36 -18.35 1.91
C GLY A 128 15.86 -16.96 1.64
N MET A 129 14.75 -16.56 2.23
CA MET A 129 14.10 -15.25 2.12
C MET A 129 13.79 -14.69 3.52
N GLN A 130 13.65 -13.38 3.59
CA GLN A 130 13.31 -12.61 4.78
C GLN A 130 11.90 -12.03 4.69
N PRO A 131 11.11 -12.19 5.75
CA PRO A 131 9.74 -11.66 5.85
C PRO A 131 9.69 -10.19 6.23
N TYR A 132 8.91 -9.39 5.54
CA TYR A 132 8.67 -7.94 5.71
C TYR A 132 7.18 -7.92 6.07
N VAL A 133 6.86 -7.74 7.34
CA VAL A 133 5.48 -7.83 7.85
C VAL A 133 4.73 -6.56 8.24
N THR A 134 3.58 -6.44 7.59
CA THR A 134 2.58 -5.38 7.71
C THR A 134 1.54 -5.79 8.77
N LEU A 135 1.39 -4.94 9.78
CA LEU A 135 0.43 -5.20 10.87
C LEU A 135 -1.00 -4.91 10.43
N PHE A 136 -1.25 -3.77 9.79
CA PHE A 136 -2.61 -3.42 9.37
C PHE A 136 -2.67 -3.12 7.87
N HIS A 137 -3.43 -3.97 7.20
CA HIS A 137 -3.64 -3.88 5.75
C HIS A 137 -5.13 -3.88 5.43
N TRP A 138 -5.83 -2.91 6.01
CA TRP A 138 -7.22 -2.46 5.92
C TRP A 138 -8.36 -3.30 6.49
N ASP A 139 -8.07 -4.41 7.10
CA ASP A 139 -8.95 -5.41 7.70
C ASP A 139 -9.23 -5.24 9.20
N VAL A 140 -10.01 -4.22 9.49
CA VAL A 140 -10.44 -3.88 10.85
C VAL A 140 -11.44 -4.96 11.31
N PRO A 141 -11.14 -5.54 12.48
CA PRO A 141 -12.02 -6.55 13.09
C PRO A 141 -13.41 -5.96 13.15
N GLN A 142 -14.46 -6.67 12.79
CA GLN A 142 -15.86 -6.21 12.81
C GLN A 142 -16.35 -5.82 14.20
N ALA A 143 -15.87 -6.50 15.24
CA ALA A 143 -16.18 -6.25 16.65
C ALA A 143 -15.87 -4.81 17.05
N LEU A 144 -14.73 -4.27 16.69
CA LEU A 144 -14.32 -2.89 16.98
C LEU A 144 -15.04 -1.86 16.12
N GLU A 145 -15.48 -2.25 14.92
CA GLU A 145 -16.27 -1.38 14.03
C GLU A 145 -17.65 -1.20 14.66
N ASP A 146 -18.23 -2.30 15.13
CA ASP A 146 -19.52 -2.38 15.81
C ASP A 146 -19.49 -1.60 17.13
N GLU A 147 -18.42 -1.78 17.89
CA GLU A 147 -18.26 -1.13 19.19
C GLU A 147 -18.04 0.37 19.15
N TYR A 148 -17.05 0.85 18.39
CA TYR A 148 -16.81 2.30 18.38
C TYR A 148 -16.47 2.90 17.04
N ARG A 149 -16.92 2.33 15.94
CA ARG A 149 -16.67 2.84 14.58
C ARG A 149 -15.22 2.75 14.09
N GLY A 150 -14.49 1.74 14.53
CA GLY A 150 -13.13 1.41 14.18
C GLY A 150 -12.18 2.56 14.19
N PHE A 151 -11.62 2.99 13.07
CA PHE A 151 -10.65 4.10 12.97
C PHE A 151 -11.23 5.49 13.01
N LEU A 152 -12.49 5.65 13.35
CA LEU A 152 -13.19 6.90 13.58
C LEU A 152 -13.36 7.07 15.11
N GLY A 153 -12.84 6.16 15.90
CA GLY A 153 -12.94 6.22 17.37
C GLY A 153 -11.55 6.20 17.96
N ARG A 154 -11.28 6.99 18.98
CA ARG A 154 -9.99 7.11 19.68
C ARG A 154 -9.57 5.86 20.41
N ASN A 155 -10.45 4.95 20.72
CA ASN A 155 -10.38 3.64 21.34
C ASN A 155 -9.50 2.65 20.56
N ILE A 156 -9.33 2.85 19.27
CA ILE A 156 -8.52 2.09 18.33
C ILE A 156 -7.03 2.07 18.65
N VAL A 157 -6.49 3.16 19.19
CA VAL A 157 -5.10 3.31 19.55
C VAL A 157 -4.67 2.29 20.60
N ASP A 158 -5.41 2.20 21.71
CA ASP A 158 -5.06 1.23 22.77
C ASP A 158 -5.18 -0.22 22.33
N ASP A 159 -6.23 -0.50 21.56
CA ASP A 159 -6.44 -1.86 21.03
C ASP A 159 -5.36 -2.20 20.00
N PHE A 160 -4.94 -1.24 19.18
CA PHE A 160 -3.88 -1.46 18.16
C PHE A 160 -2.53 -1.67 18.84
N ARG A 161 -2.24 -0.98 19.93
CA ARG A 161 -0.99 -1.19 20.71
C ARG A 161 -0.96 -2.62 21.25
N ASP A 162 -2.06 -3.15 21.76
CA ASP A 162 -2.16 -4.52 22.27
C ASP A 162 -1.92 -5.59 21.18
N TYR A 163 -2.49 -5.37 20.01
CA TYR A 163 -2.33 -6.26 18.84
C TYR A 163 -0.87 -6.33 18.41
N ALA A 164 -0.23 -5.18 18.26
CA ALA A 164 1.19 -5.04 17.88
C ALA A 164 2.07 -5.79 18.87
N GLU A 165 1.87 -5.62 20.18
CA GLU A 165 2.59 -6.32 21.25
C GLU A 165 2.46 -7.83 21.13
N LEU A 166 1.29 -8.37 20.84
CA LEU A 166 1.07 -9.80 20.62
C LEU A 166 1.96 -10.29 19.48
N CYS A 167 1.96 -9.58 18.34
CA CYS A 167 2.81 -9.94 17.19
C CYS A 167 4.30 -9.86 17.52
N PHE A 168 4.72 -8.82 18.24
CA PHE A 168 6.13 -8.65 18.66
C PHE A 168 6.61 -9.77 19.58
N LYS A 169 5.75 -10.20 20.51
CA LYS A 169 6.11 -11.28 21.43
C LYS A 169 6.11 -12.66 20.77
N GLU A 170 5.15 -12.90 19.91
CA GLU A 170 5.06 -14.20 19.25
C GLU A 170 5.98 -14.45 18.08
N PHE A 171 6.15 -13.45 17.23
CA PHE A 171 6.91 -13.52 15.96
C PHE A 171 8.20 -12.74 15.85
N GLY A 172 8.48 -11.85 16.77
CA GLY A 172 9.61 -10.97 16.91
C GLY A 172 10.99 -11.56 16.92
N ASP A 173 11.15 -12.81 17.32
CA ASP A 173 12.36 -13.61 17.38
C ASP A 173 12.81 -13.98 15.96
N ARG A 174 11.88 -14.08 15.00
CA ARG A 174 12.22 -14.41 13.61
C ARG A 174 12.07 -13.21 12.67
N VAL A 175 11.10 -12.34 12.86
CA VAL A 175 10.84 -11.15 12.05
C VAL A 175 11.65 -9.93 12.52
N LYS A 176 12.48 -9.43 11.60
CA LYS A 176 13.33 -8.27 11.90
C LYS A 176 12.97 -7.01 11.15
N HIS A 177 11.94 -7.04 10.33
CA HIS A 177 11.43 -5.90 9.52
C HIS A 177 9.93 -5.80 9.70
N TRP A 178 9.44 -4.80 10.41
CA TRP A 178 8.01 -4.59 10.67
C TRP A 178 7.52 -3.30 10.03
N ILE A 179 6.29 -3.35 9.53
CA ILE A 179 5.60 -2.23 8.89
C ILE A 179 4.26 -2.09 9.65
N THR A 180 4.08 -0.96 10.31
CA THR A 180 2.85 -0.72 11.06
C THR A 180 1.61 -0.58 10.20
N LEU A 181 1.54 0.42 9.33
CA LEU A 181 0.34 0.62 8.49
C LEU A 181 0.63 0.55 6.98
N ASN A 182 -0.41 0.18 6.25
CA ASN A 182 -0.39 0.12 4.80
C ASN A 182 -1.40 1.18 4.29
N GLU A 183 -0.83 2.13 3.62
CA GLU A 183 -1.54 3.22 2.96
C GLU A 183 -2.73 3.83 3.65
N PRO A 184 -2.48 4.64 4.70
CA PRO A 184 -3.52 5.39 5.42
C PRO A 184 -4.26 6.40 4.56
N TRP A 185 -3.71 6.91 3.44
CA TRP A 185 -4.31 7.82 2.47
C TRP A 185 -5.47 7.10 1.78
N GLY A 186 -5.24 5.88 1.35
CA GLY A 186 -6.22 5.01 0.70
C GLY A 186 -7.46 4.77 1.57
N VAL A 187 -7.25 4.42 2.82
CA VAL A 187 -8.33 4.20 3.80
C VAL A 187 -9.12 5.50 3.97
N SER A 188 -8.42 6.57 4.30
CA SER A 188 -9.02 7.88 4.54
C SER A 188 -9.89 8.37 3.38
N MET A 189 -9.32 8.40 2.18
CA MET A 189 -9.99 8.85 0.96
C MET A 189 -11.04 7.87 0.44
N ASN A 190 -10.73 6.61 0.20
CA ASN A 190 -11.70 5.64 -0.37
C ASN A 190 -12.75 5.13 0.60
N ALA A 191 -12.40 4.96 1.87
CA ALA A 191 -13.43 4.51 2.83
C ALA A 191 -14.30 5.63 3.38
N TYR A 192 -13.79 6.86 3.54
CA TYR A 192 -14.52 7.99 4.13
C TYR A 192 -14.76 9.21 3.24
N ALA A 193 -14.15 9.34 2.08
CA ALA A 193 -14.35 10.49 1.18
C ALA A 193 -15.09 10.10 -0.11
N TYR A 194 -14.90 8.91 -0.61
CA TYR A 194 -15.58 8.44 -1.83
C TYR A 194 -16.56 7.30 -1.59
N GLY A 195 -16.33 6.53 -0.53
CA GLY A 195 -17.22 5.43 -0.19
C GLY A 195 -17.09 4.11 -0.94
N THR A 196 -16.00 3.94 -1.66
CA THR A 196 -15.74 2.70 -2.43
C THR A 196 -15.16 1.55 -1.59
N PHE A 197 -14.53 1.85 -0.46
CA PHE A 197 -13.95 0.84 0.43
C PHE A 197 -14.76 0.73 1.75
N ALA A 198 -14.63 -0.41 2.41
CA ALA A 198 -15.33 -0.67 3.68
C ALA A 198 -14.93 0.38 4.71
N PRO A 199 -15.89 0.98 5.43
CA PRO A 199 -17.32 0.72 5.41
C PRO A 199 -18.20 1.43 4.42
N GLY A 200 -17.66 2.11 3.45
CA GLY A 200 -18.35 2.80 2.38
C GLY A 200 -19.09 4.08 2.70
N ARG A 201 -18.42 4.95 3.42
CA ARG A 201 -19.03 6.24 3.82
C ARG A 201 -18.54 7.41 2.97
N CYS A 202 -19.37 8.42 2.80
CA CYS A 202 -19.15 9.66 2.07
C CYS A 202 -20.36 10.60 2.25
N SER A 203 -20.22 11.86 1.90
CA SER A 203 -21.30 12.85 2.02
C SER A 203 -22.43 12.48 1.06
N ASP A 204 -23.65 12.47 1.54
CA ASP A 204 -24.87 12.15 0.79
C ASP A 204 -25.09 12.94 -0.49
N TRP A 205 -24.79 14.23 -0.53
CA TRP A 205 -24.90 15.11 -1.69
C TRP A 205 -24.02 14.75 -2.87
N LEU A 206 -22.97 13.95 -2.77
CA LEU A 206 -22.08 13.50 -3.83
C LEU A 206 -22.73 12.45 -4.75
N LYS A 207 -23.77 11.78 -4.30
CA LYS A 207 -24.55 10.78 -5.01
C LYS A 207 -23.68 9.61 -5.51
N LEU A 208 -22.95 9.04 -4.55
CA LEU A 208 -22.05 7.91 -4.75
C LEU A 208 -22.56 6.66 -4.04
N ASN A 209 -23.80 6.73 -3.61
CA ASN A 209 -24.51 5.65 -2.91
C ASN A 209 -23.70 5.22 -1.67
N CYS A 210 -23.47 6.15 -0.75
CA CYS A 210 -22.70 5.81 0.45
C CYS A 210 -23.66 5.39 1.57
N THR A 211 -23.09 4.77 2.59
CA THR A 211 -23.74 4.27 3.79
C THR A 211 -23.79 5.28 4.93
N GLY A 212 -23.68 6.55 4.71
CA GLY A 212 -23.68 7.63 5.71
C GLY A 212 -22.30 8.31 5.59
N GLY A 213 -22.08 9.35 6.37
CA GLY A 213 -20.80 10.04 6.35
C GLY A 213 -20.78 11.53 6.11
N ASP A 214 -19.53 11.99 5.98
CA ASP A 214 -19.16 13.39 5.76
C ASP A 214 -17.76 13.44 5.18
N SER A 215 -17.62 13.73 3.89
CA SER A 215 -16.33 13.83 3.19
C SER A 215 -15.46 15.04 3.54
N GLY A 216 -15.97 16.06 4.22
CA GLY A 216 -15.27 17.24 4.66
C GLY A 216 -14.71 17.09 6.09
N ARG A 217 -15.15 16.06 6.82
CA ARG A 217 -14.73 15.79 8.20
C ARG A 217 -14.17 14.42 8.50
N GLU A 218 -14.84 13.31 8.20
CA GLU A 218 -14.41 11.94 8.46
C GLU A 218 -13.06 11.51 7.93
N PRO A 219 -12.65 11.81 6.69
CA PRO A 219 -11.31 11.47 6.18
C PRO A 219 -10.18 11.97 7.07
N TYR A 220 -10.28 13.18 7.62
CA TYR A 220 -9.32 13.81 8.51
C TYR A 220 -9.24 13.11 9.88
N LEU A 221 -10.36 12.65 10.39
CA LEU A 221 -10.51 11.90 11.62
C LEU A 221 -9.85 10.52 11.51
N ALA A 222 -10.18 9.81 10.44
CA ALA A 222 -9.61 8.48 10.16
C ALA A 222 -8.09 8.58 10.00
N ALA A 223 -7.53 9.57 9.32
CA ALA A 223 -6.09 9.76 9.18
C ALA A 223 -5.33 10.08 10.48
N HIS A 224 -5.91 10.88 11.34
CA HIS A 224 -5.43 11.33 12.65
C HIS A 224 -5.29 10.14 13.58
N TYR A 225 -6.32 9.30 13.70
CA TYR A 225 -6.27 8.11 14.57
C TYR A 225 -5.34 7.03 14.05
N GLN A 226 -5.20 6.92 12.73
CA GLN A 226 -4.26 6.01 12.06
C GLN A 226 -2.84 6.42 12.48
N LEU A 227 -2.49 7.69 12.46
CA LEU A 227 -1.18 8.22 12.87
C LEU A 227 -0.90 7.96 14.35
N LEU A 228 -1.88 8.12 15.23
CA LEU A 228 -1.77 7.86 16.67
C LEU A 228 -1.56 6.37 16.92
N ALA A 229 -2.24 5.50 16.20
CA ALA A 229 -2.08 4.06 16.28
C ALA A 229 -0.66 3.64 15.89
N HIS A 230 -0.11 4.23 14.83
CA HIS A 230 1.24 3.97 14.36
C HIS A 230 2.22 4.35 15.48
N ALA A 231 2.12 5.57 15.99
CA ALA A 231 3.03 6.08 17.03
C ALA A 231 3.06 5.15 18.24
N ALA A 232 1.92 4.68 18.72
CA ALA A 232 1.78 3.76 19.84
C ALA A 232 2.52 2.45 19.60
N ALA A 233 2.35 1.83 18.44
CA ALA A 233 3.01 0.58 18.07
C ALA A 233 4.51 0.76 17.85
N ALA A 234 4.92 1.85 17.23
CA ALA A 234 6.33 2.14 16.97
C ALA A 234 7.11 2.47 18.23
N ARG A 235 6.51 3.18 19.16
CA ARG A 235 7.18 3.53 20.44
C ARG A 235 7.33 2.32 21.34
N LEU A 236 6.34 1.43 21.36
CA LEU A 236 6.37 0.17 22.09
C LEU A 236 7.55 -0.68 21.60
N TYR A 237 7.67 -0.87 20.29
CA TYR A 237 8.75 -1.67 19.71
C TYR A 237 10.13 -1.16 20.12
N LYS A 238 10.38 0.12 19.92
CA LYS A 238 11.66 0.76 20.22
C LYS A 238 12.05 0.77 21.68
N THR A 239 11.08 1.01 22.57
CA THR A 239 11.35 1.05 24.01
C THR A 239 11.38 -0.29 24.71
N LYS A 240 10.75 -1.32 24.17
CA LYS A 240 10.74 -2.60 24.89
C LYS A 240 11.26 -3.82 24.18
N TYR A 241 11.23 -3.85 22.87
CA TYR A 241 11.61 -5.03 22.07
C TYR A 241 12.81 -4.91 21.15
N GLN A 242 13.15 -3.71 20.72
CA GLN A 242 14.28 -3.50 19.80
C GLN A 242 15.64 -3.89 20.37
N ALA A 243 15.95 -3.72 21.63
CA ALA A 243 17.26 -4.09 22.20
C ALA A 243 17.55 -5.58 22.29
N SER A 244 16.53 -6.42 22.37
CA SER A 244 16.67 -7.86 22.42
C SER A 244 16.38 -8.52 21.06
N GLN A 245 15.47 -7.97 20.28
CA GLN A 245 15.11 -8.57 18.98
C GLN A 245 15.96 -8.17 17.79
N ASN A 246 16.57 -7.01 17.85
CA ASN A 246 17.48 -6.40 16.89
C ASN A 246 16.91 -6.19 15.48
N GLY A 247 15.68 -5.74 15.35
CA GLY A 247 15.02 -5.51 14.07
C GLY A 247 14.72 -4.03 13.91
N ILE A 248 13.98 -3.66 12.87
CA ILE A 248 13.62 -2.27 12.56
C ILE A 248 12.13 -2.16 12.21
N ILE A 249 11.55 -1.00 12.44
CA ILE A 249 10.12 -0.72 12.19
C ILE A 249 9.92 0.57 11.39
N GLY A 250 8.96 0.59 10.48
CA GLY A 250 8.66 1.76 9.62
C GLY A 250 7.18 1.74 9.29
N ILE A 251 6.77 2.49 8.29
CA ILE A 251 5.39 2.65 7.81
C ILE A 251 5.34 2.79 6.28
N THR A 252 4.29 2.27 5.66
CA THR A 252 4.09 2.34 4.21
C THR A 252 3.06 3.40 3.79
N LEU A 253 3.55 4.37 3.03
CA LEU A 253 2.74 5.47 2.48
C LEU A 253 2.69 5.36 0.95
N VAL A 254 1.56 5.77 0.41
CA VAL A 254 1.31 5.78 -1.03
C VAL A 254 1.29 7.26 -1.47
N SER A 255 1.86 7.48 -2.64
CA SER A 255 1.92 8.80 -3.27
C SER A 255 2.08 8.66 -4.79
N HIS A 256 1.46 9.61 -5.47
CA HIS A 256 1.51 9.77 -6.93
C HIS A 256 2.54 10.89 -7.18
N TRP A 257 2.97 11.07 -8.42
CA TRP A 257 3.88 12.18 -8.76
C TRP A 257 2.89 13.22 -9.33
N PHE A 258 3.06 14.47 -8.96
CA PHE A 258 2.19 15.56 -9.45
C PHE A 258 3.04 16.48 -10.32
N GLU A 259 2.70 16.47 -11.61
CA GLU A 259 3.46 17.29 -12.59
C GLU A 259 2.70 18.56 -12.94
N PRO A 260 3.36 19.72 -12.78
CA PRO A 260 2.72 21.00 -13.09
C PRO A 260 2.21 20.95 -14.53
N ALA A 261 0.99 21.46 -14.66
CA ALA A 261 0.26 21.57 -15.91
C ALA A 261 0.97 22.51 -16.89
N SER A 262 1.52 23.60 -16.42
CA SER A 262 2.27 24.59 -17.19
C SER A 262 3.44 25.06 -16.32
N LYS A 263 4.17 26.06 -16.79
CA LYS A 263 5.31 26.68 -16.06
C LYS A 263 4.85 27.78 -15.11
N GLU A 264 3.63 28.25 -15.26
CA GLU A 264 3.01 29.28 -14.44
C GLU A 264 3.17 28.91 -12.97
N LYS A 265 3.31 29.93 -12.14
CA LYS A 265 3.48 29.83 -10.69
C LYS A 265 2.27 29.17 -10.04
N ALA A 266 1.07 29.45 -10.46
CA ALA A 266 -0.19 28.86 -10.02
C ALA A 266 -0.23 27.35 -10.27
N ASP A 267 0.30 26.87 -11.38
CA ASP A 267 0.37 25.46 -11.74
C ASP A 267 1.50 24.79 -10.98
N VAL A 268 2.59 25.52 -10.75
CA VAL A 268 3.76 25.03 -9.99
C VAL A 268 3.32 24.80 -8.53
N ASP A 269 2.60 25.76 -7.97
CA ASP A 269 2.05 25.75 -6.63
C ASP A 269 0.96 24.68 -6.45
N ALA A 270 0.20 24.36 -7.46
CA ALA A 270 -0.84 23.32 -7.41
C ALA A 270 -0.26 21.94 -7.25
N ALA A 271 0.83 21.62 -7.95
CA ALA A 271 1.55 20.34 -7.88
C ALA A 271 2.11 20.08 -6.48
N LYS A 272 2.66 21.12 -5.86
CA LYS A 272 3.20 21.16 -4.51
C LYS A 272 2.10 20.85 -3.50
N ARG A 273 0.90 21.41 -3.64
CA ARG A 273 -0.25 21.17 -2.79
C ARG A 273 -0.76 19.74 -2.91
N GLY A 274 -0.65 19.14 -4.09
CA GLY A 274 -1.01 17.77 -4.42
C GLY A 274 -0.16 16.83 -3.55
N LEU A 275 1.14 17.08 -3.53
CA LEU A 275 2.13 16.33 -2.75
C LEU A 275 1.88 16.56 -1.24
N ASP A 276 1.55 17.76 -0.82
CA ASP A 276 1.25 18.11 0.57
C ASP A 276 -0.01 17.40 1.07
N PHE A 277 -1.06 17.38 0.24
CA PHE A 277 -2.30 16.72 0.68
C PHE A 277 -2.23 15.20 0.56
N MET A 278 -1.32 14.60 -0.21
CA MET A 278 -1.26 13.14 -0.34
C MET A 278 -0.15 12.53 0.52
N LEU A 279 1.07 12.98 0.30
CA LEU A 279 2.24 12.47 1.00
C LEU A 279 2.53 13.20 2.30
N GLY A 280 2.52 14.51 2.28
CA GLY A 280 2.75 15.46 3.35
C GLY A 280 1.85 15.29 4.55
N TRP A 281 0.60 14.91 4.37
CA TRP A 281 -0.44 14.58 5.32
C TRP A 281 0.07 13.66 6.44
N PHE A 282 0.83 12.64 6.08
CA PHE A 282 1.49 11.63 6.90
C PHE A 282 2.97 11.91 7.15
N MET A 283 3.77 12.37 6.22
CA MET A 283 5.20 12.64 6.44
C MET A 283 5.51 13.87 7.30
N HIS A 284 4.68 14.89 7.27
CA HIS A 284 4.90 16.10 8.10
C HIS A 284 4.86 15.73 9.57
N PRO A 285 3.76 15.13 10.01
CA PRO A 285 3.56 14.64 11.39
C PRO A 285 4.66 13.68 11.84
N LEU A 286 5.09 12.73 11.01
CA LEU A 286 6.15 11.76 11.23
C LEU A 286 7.55 12.36 11.40
N THR A 287 7.82 13.52 10.84
CA THR A 287 9.11 14.18 10.93
C THR A 287 9.10 15.44 11.76
N LYS A 288 7.96 16.10 11.86
CA LYS A 288 7.83 17.37 12.58
C LYS A 288 6.74 17.49 13.63
N GLY A 289 5.85 16.54 13.76
CA GLY A 289 4.74 16.50 14.69
C GLY A 289 3.60 17.48 14.42
N ARG A 290 3.38 17.84 13.16
CA ARG A 290 2.33 18.78 12.75
C ARG A 290 2.01 18.62 11.25
N TYR A 291 0.82 18.96 10.83
CA TYR A 291 0.40 18.88 9.42
C TYR A 291 1.05 20.00 8.62
N PRO A 292 1.14 19.83 7.31
CA PRO A 292 1.76 20.87 6.45
C PRO A 292 1.01 22.17 6.58
N GLU A 293 1.67 23.30 6.38
CA GLU A 293 1.01 24.61 6.48
C GLU A 293 -0.18 24.74 5.55
N SER A 294 -0.06 24.41 4.27
CA SER A 294 -1.15 24.47 3.28
C SER A 294 -2.42 23.76 3.75
N MET A 295 -2.36 22.59 4.36
CA MET A 295 -3.50 21.84 4.90
C MET A 295 -4.09 22.64 6.08
N ARG A 296 -3.25 23.19 6.96
CA ARG A 296 -3.63 24.00 8.12
C ARG A 296 -4.36 25.28 7.73
N TYR A 297 -3.90 25.95 6.69
CA TYR A 297 -4.44 27.18 6.11
C TYR A 297 -5.75 26.98 5.36
N LEU A 298 -5.86 25.90 4.60
CA LEU A 298 -7.07 25.65 3.81
C LEU A 298 -8.11 24.79 4.51
N VAL A 299 -7.79 24.02 5.53
CA VAL A 299 -8.75 23.15 6.22
C VAL A 299 -9.17 23.79 7.54
N ARG A 300 -8.28 24.60 8.09
CA ARG A 300 -8.53 25.37 9.32
C ARG A 300 -9.10 24.49 10.41
N LYS A 301 -10.27 24.82 10.92
CA LYS A 301 -10.99 24.13 11.97
C LYS A 301 -11.26 22.67 11.77
N ARG A 302 -11.58 22.17 10.57
CA ARG A 302 -11.86 20.76 10.26
C ARG A 302 -10.67 19.81 10.35
N LEU A 303 -9.46 20.28 10.51
CA LEU A 303 -8.23 19.57 10.67
C LEU A 303 -7.93 19.42 12.18
N PRO A 304 -7.91 18.17 12.64
CA PRO A 304 -7.63 17.86 14.04
C PRO A 304 -6.26 18.40 14.44
N LYS A 305 -6.07 18.49 15.76
CA LYS A 305 -4.84 18.97 16.37
C LYS A 305 -4.18 17.90 17.25
N PHE A 306 -2.86 17.90 17.26
CA PHE A 306 -2.10 16.94 18.06
C PHE A 306 -1.84 17.60 19.43
N SER A 307 -1.79 16.80 20.48
CA SER A 307 -1.45 17.40 21.79
C SER A 307 0.07 17.49 21.78
N THR A 308 0.66 18.08 22.81
CA THR A 308 2.11 18.21 22.95
C THR A 308 2.77 16.84 23.02
N GLU A 309 2.21 15.95 23.80
CA GLU A 309 2.62 14.57 24.03
C GLU A 309 2.51 13.73 22.76
N GLU A 310 1.42 13.87 22.03
CA GLU A 310 1.18 13.16 20.74
C GLU A 310 2.22 13.58 19.69
N SER A 311 2.58 14.85 19.60
CA SER A 311 3.60 15.40 18.73
C SER A 311 4.98 14.80 19.07
N LYS A 312 5.33 14.74 20.34
CA LYS A 312 6.59 14.16 20.83
C LYS A 312 6.71 12.69 20.45
N GLU A 313 5.68 11.88 20.65
CA GLU A 313 5.63 10.46 20.30
C GLU A 313 5.75 10.16 18.80
N LEU A 314 5.13 10.99 17.96
CA LEU A 314 5.15 10.87 16.51
C LEU A 314 6.43 11.31 15.80
N THR A 315 6.99 12.42 16.24
CA THR A 315 8.20 12.96 15.61
C THR A 315 9.30 11.92 15.61
N GLY A 316 9.79 11.54 14.44
CA GLY A 316 10.84 10.55 14.27
C GLY A 316 10.52 9.12 14.59
N SER A 317 9.30 8.63 14.67
CA SER A 317 8.96 7.23 15.00
C SER A 317 8.98 6.23 13.86
N PHE A 318 10.08 6.15 13.13
CA PHE A 318 10.21 5.21 12.01
C PHE A 318 11.71 5.01 11.75
N ASP A 319 12.07 3.77 11.45
CA ASP A 319 13.45 3.44 11.11
C ASP A 319 13.65 3.55 9.59
N PHE A 320 12.61 3.38 8.81
CA PHE A 320 12.66 3.44 7.33
C PHE A 320 11.30 3.89 6.79
N LEU A 321 11.25 4.29 5.52
CA LEU A 321 9.96 4.64 4.89
C LEU A 321 9.66 3.54 3.87
N GLY A 322 8.44 3.05 3.87
CA GLY A 322 7.95 2.05 2.89
C GLY A 322 7.21 2.94 1.86
N LEU A 323 7.71 3.04 0.65
CA LEU A 323 7.03 3.90 -0.35
C LEU A 323 6.33 3.10 -1.46
N ASN A 324 5.09 3.46 -1.70
CA ASN A 324 4.28 2.82 -2.74
C ASN A 324 4.07 3.83 -3.89
N TYR A 325 4.50 3.47 -5.11
CA TYR A 325 4.33 4.32 -6.30
C TYR A 325 3.74 3.47 -7.44
N TYR A 326 2.78 4.07 -8.15
CA TYR A 326 2.09 3.49 -9.29
C TYR A 326 1.82 4.44 -10.48
N SER A 327 1.29 5.62 -10.21
CA SER A 327 0.84 6.57 -11.23
C SER A 327 1.22 8.01 -11.07
N SER A 328 1.04 8.81 -12.12
CA SER A 328 1.38 10.26 -12.08
C SER A 328 0.22 11.04 -12.68
N TYR A 329 0.02 12.27 -12.31
CA TYR A 329 -0.99 13.23 -12.73
C TYR A 329 -0.43 14.63 -13.01
N TYR A 330 -1.15 15.35 -13.87
CA TYR A 330 -0.85 16.74 -14.19
C TYR A 330 -1.72 17.55 -13.18
N ALA A 331 -1.12 18.55 -12.56
CA ALA A 331 -1.84 19.40 -11.60
C ALA A 331 -1.88 20.85 -12.03
N ALA A 332 -3.08 21.40 -11.96
CA ALA A 332 -3.40 22.80 -12.29
C ALA A 332 -4.27 23.39 -11.17
N LYS A 333 -4.15 24.70 -11.00
CA LYS A 333 -4.94 25.40 -9.95
C LYS A 333 -6.42 25.30 -10.29
N ALA A 334 -7.25 25.09 -9.28
CA ALA A 334 -8.71 25.05 -9.50
C ALA A 334 -9.28 26.30 -8.75
N PRO A 335 -10.04 27.03 -9.29
CA PRO A 335 -10.70 28.16 -8.65
C PRO A 335 -11.72 27.76 -7.60
N ARG A 336 -11.79 28.58 -6.61
CA ARG A 336 -12.73 28.51 -5.50
C ARG A 336 -14.15 28.81 -6.00
N ILE A 337 -15.01 27.84 -5.79
CA ILE A 337 -16.43 27.96 -6.17
C ILE A 337 -17.12 28.52 -4.94
N PRO A 338 -17.78 29.67 -5.12
CA PRO A 338 -18.51 30.35 -4.05
C PRO A 338 -19.65 29.48 -3.54
N ASN A 339 -19.73 29.31 -2.22
CA ASN A 339 -20.76 28.51 -1.55
C ASN A 339 -20.61 26.99 -1.61
N ALA A 340 -19.47 26.50 -2.03
CA ALA A 340 -19.20 25.07 -2.15
C ALA A 340 -19.21 24.43 -0.76
N ARG A 341 -19.82 23.26 -0.76
CA ARG A 341 -19.86 22.48 0.49
C ARG A 341 -18.45 21.87 0.57
N PRO A 342 -17.96 21.79 1.80
CA PRO A 342 -16.64 21.23 2.06
C PRO A 342 -16.52 19.72 1.86
N ALA A 343 -15.38 19.36 1.28
CA ALA A 343 -15.00 17.98 1.00
C ALA A 343 -13.49 17.95 0.85
N ILE A 344 -12.86 16.89 1.35
CA ILE A 344 -11.39 16.75 1.25
C ILE A 344 -10.91 16.83 -0.18
N GLN A 345 -11.52 16.19 -1.16
CA GLN A 345 -11.16 16.19 -2.59
C GLN A 345 -11.10 17.59 -3.21
N THR A 346 -11.92 18.54 -2.82
CA THR A 346 -11.93 19.92 -3.31
C THR A 346 -11.17 20.91 -2.42
N ASP A 347 -10.84 20.54 -1.19
CA ASP A 347 -10.13 21.39 -0.22
C ASP A 347 -8.77 21.94 -0.66
N SER A 348 -7.98 21.19 -1.39
CA SER A 348 -6.66 21.53 -1.92
C SER A 348 -6.66 22.48 -3.11
N LEU A 349 -7.77 22.74 -3.76
CA LEU A 349 -7.92 23.67 -4.89
C LEU A 349 -7.00 23.35 -6.06
N ILE A 350 -7.08 22.12 -6.52
CA ILE A 350 -6.32 21.52 -7.60
C ILE A 350 -7.23 20.79 -8.59
N ASN A 351 -6.87 20.88 -9.85
CA ASN A 351 -7.55 20.20 -10.96
C ASN A 351 -6.50 19.17 -11.43
N ALA A 352 -6.71 17.89 -11.15
CA ALA A 352 -5.74 16.84 -11.53
C ALA A 352 -6.28 16.08 -12.74
N THR A 353 -5.45 15.99 -13.77
CA THR A 353 -5.74 15.33 -15.04
C THR A 353 -4.59 14.47 -15.53
N PHE A 354 -4.84 13.79 -16.65
CA PHE A 354 -3.86 12.93 -17.32
C PHE A 354 -3.48 13.52 -18.68
N GLU A 355 -3.85 14.75 -18.96
CA GLU A 355 -3.54 15.40 -20.24
C GLU A 355 -3.33 16.89 -20.10
N HIS A 356 -2.66 17.48 -21.06
CA HIS A 356 -2.39 18.91 -21.11
C HIS A 356 -2.72 19.36 -22.55
N ASN A 357 -3.87 19.96 -22.72
CA ASN A 357 -4.38 20.45 -24.02
C ASN A 357 -4.66 19.27 -24.96
N GLY A 358 -5.19 18.18 -24.41
CA GLY A 358 -5.47 16.92 -25.05
C GLY A 358 -4.28 16.00 -25.18
N LYS A 359 -3.05 16.40 -24.91
CA LYS A 359 -1.83 15.57 -25.02
C LYS A 359 -1.59 14.83 -23.71
N PRO A 360 -1.56 13.51 -23.82
CA PRO A 360 -1.39 12.62 -22.67
C PRO A 360 -0.01 12.66 -22.06
N LEU A 361 -0.02 12.48 -20.73
CA LEU A 361 1.17 12.41 -19.87
C LEU A 361 1.80 11.04 -20.12
N GLY A 362 1.00 10.01 -20.34
CA GLY A 362 1.40 8.64 -20.66
C GLY A 362 0.09 7.87 -20.92
N PRO A 363 0.25 6.62 -21.31
CA PRO A 363 -0.89 5.72 -21.56
C PRO A 363 -1.47 5.21 -20.25
N MET A 364 -2.65 4.60 -20.28
CA MET A 364 -3.29 4.08 -19.07
C MET A 364 -3.20 2.55 -19.01
N ALA A 365 -3.22 2.08 -17.75
CA ALA A 365 -3.21 0.60 -17.53
C ALA A 365 -4.69 0.23 -17.47
N ALA A 366 -5.06 -0.92 -16.92
CA ALA A 366 -6.50 -1.28 -16.83
C ALA A 366 -7.23 -0.49 -15.75
N SER A 367 -6.58 -0.10 -14.66
CA SER A 367 -7.24 0.72 -13.61
C SER A 367 -7.30 2.14 -14.17
N SER A 368 -8.42 2.80 -14.05
CA SER A 368 -8.64 4.16 -14.55
C SER A 368 -7.88 5.28 -13.88
N TRP A 369 -7.16 5.09 -12.79
CA TRP A 369 -6.37 6.07 -12.09
C TRP A 369 -4.88 5.87 -12.37
N LEU A 370 -4.53 4.80 -13.03
CA LEU A 370 -3.12 4.46 -13.29
C LEU A 370 -2.60 4.83 -14.67
N CYS A 371 -1.88 5.93 -14.70
CA CYS A 371 -1.25 6.51 -15.89
C CYS A 371 0.24 6.17 -15.79
N ILE A 372 0.77 5.59 -16.85
CA ILE A 372 2.18 5.16 -16.91
C ILE A 372 3.15 6.26 -17.28
N TYR A 373 3.90 6.69 -16.28
CA TYR A 373 4.92 7.75 -16.39
C TYR A 373 6.09 7.37 -15.52
N PRO A 374 7.00 6.53 -16.03
CA PRO A 374 8.19 6.05 -15.33
C PRO A 374 9.08 7.08 -14.69
N GLN A 375 9.20 8.30 -15.18
CA GLN A 375 9.93 9.44 -14.68
C GLN A 375 9.39 9.86 -13.30
N GLY A 376 8.12 9.69 -13.01
CA GLY A 376 7.44 9.96 -11.77
C GLY A 376 8.06 9.33 -10.53
N ILE A 377 8.52 8.09 -10.60
CA ILE A 377 9.17 7.37 -9.50
C ILE A 377 10.48 8.08 -9.16
N ARG A 378 11.30 8.45 -10.13
CA ARG A 378 12.56 9.17 -9.91
C ARG A 378 12.28 10.54 -9.30
N LYS A 379 11.34 11.31 -9.82
CA LYS A 379 11.01 12.64 -9.28
C LYS A 379 10.41 12.53 -7.87
N LEU A 380 9.56 11.53 -7.60
CA LEU A 380 8.97 11.32 -6.26
C LEU A 380 10.12 11.01 -5.29
N LEU A 381 11.02 10.11 -5.63
CA LEU A 381 12.19 9.71 -4.85
C LEU A 381 13.11 10.89 -4.49
N LEU A 382 13.36 11.81 -5.42
CA LEU A 382 14.18 13.00 -5.15
C LEU A 382 13.43 13.99 -4.26
N TYR A 383 12.11 14.08 -4.38
CA TYR A 383 11.29 14.95 -3.53
C TYR A 383 11.41 14.49 -2.06
N VAL A 384 11.29 13.20 -1.80
CA VAL A 384 11.39 12.60 -0.45
C VAL A 384 12.78 12.88 0.13
N LYS A 385 13.84 12.64 -0.63
CA LYS A 385 15.22 12.89 -0.22
C LYS A 385 15.43 14.36 0.13
N ASN A 386 15.01 15.28 -0.71
CA ASN A 386 15.20 16.72 -0.49
C ASN A 386 14.29 17.43 0.50
N HIS A 387 13.08 16.96 0.67
CA HIS A 387 12.13 17.60 1.58
C HIS A 387 12.06 16.96 2.95
N TYR A 388 12.42 15.68 3.05
CA TYR A 388 12.31 14.90 4.28
C TYR A 388 13.64 14.28 4.78
N ASN A 389 14.66 15.10 4.70
CA ASN A 389 16.04 14.84 5.18
C ASN A 389 16.58 13.40 4.94
N ASN A 390 16.47 12.98 3.68
CA ASN A 390 17.09 11.74 3.14
C ASN A 390 16.88 10.49 4.03
N PRO A 391 15.64 10.00 4.25
CA PRO A 391 15.42 8.78 5.06
C PRO A 391 15.89 7.56 4.32
N VAL A 392 15.86 6.42 5.01
CA VAL A 392 16.13 5.10 4.39
C VAL A 392 14.80 4.72 3.72
N ILE A 393 14.83 4.35 2.45
CA ILE A 393 13.62 3.97 1.70
C ILE A 393 13.66 2.55 1.14
N TYR A 394 12.50 1.93 1.20
CA TYR A 394 12.20 0.62 0.63
C TYR A 394 10.97 0.87 -0.27
N ILE A 395 11.03 0.52 -1.54
CA ILE A 395 9.87 0.70 -2.45
C ILE A 395 9.02 -0.55 -2.11
N THR A 396 7.91 -0.36 -1.41
CA THR A 396 7.12 -1.54 -0.98
C THR A 396 6.03 -2.03 -1.90
N GLU A 397 5.73 -1.37 -2.99
CA GLU A 397 4.75 -1.76 -4.02
C GLU A 397 5.02 -0.93 -5.30
N ASN A 398 4.97 -1.61 -6.42
CA ASN A 398 5.14 -1.05 -7.78
C ASN A 398 4.62 -2.10 -8.79
N GLY A 399 3.74 -1.70 -9.72
CA GLY A 399 3.20 -2.62 -10.72
C GLY A 399 2.06 -2.07 -11.56
N ARG A 400 1.51 -2.87 -12.46
CA ARG A 400 0.40 -2.52 -13.36
C ARG A 400 -0.54 -3.70 -13.56
N ASN A 401 -1.67 -3.43 -14.21
CA ASN A 401 -2.66 -4.50 -14.45
C ASN A 401 -3.24 -4.53 -15.88
N GLU A 402 -3.92 -5.65 -16.12
CA GLU A 402 -4.64 -5.95 -17.37
C GLU A 402 -6.05 -6.41 -17.01
N PHE A 403 -6.94 -6.39 -18.01
CA PHE A 403 -8.31 -6.83 -17.73
C PHE A 403 -8.40 -8.36 -17.82
N ASN A 404 -9.31 -8.84 -16.98
CA ASN A 404 -9.66 -10.28 -16.95
C ASN A 404 -10.53 -10.37 -18.22
N ASP A 405 -10.11 -11.23 -19.11
CA ASP A 405 -10.87 -11.40 -20.38
C ASP A 405 -11.01 -12.88 -20.67
N PRO A 406 -12.26 -13.35 -20.51
CA PRO A 406 -12.65 -14.75 -20.70
C PRO A 406 -12.57 -15.32 -22.10
N THR A 407 -12.50 -14.51 -23.14
CA THR A 407 -12.39 -14.89 -24.54
C THR A 407 -10.96 -15.25 -24.90
N LEU A 408 -9.95 -14.87 -24.12
CA LEU A 408 -8.57 -15.21 -24.40
C LEU A 408 -8.20 -16.62 -23.93
N SER A 409 -7.39 -17.30 -24.73
CA SER A 409 -6.87 -18.64 -24.43
C SER A 409 -5.80 -18.44 -23.36
N LEU A 410 -5.33 -19.52 -22.74
CA LEU A 410 -4.28 -19.43 -21.71
C LEU A 410 -2.99 -18.86 -22.26
N GLN A 411 -2.51 -19.35 -23.38
CA GLN A 411 -1.27 -18.89 -24.06
C GLN A 411 -1.26 -17.39 -24.31
N GLU A 412 -2.36 -16.82 -24.77
CA GLU A 412 -2.62 -15.42 -25.03
C GLU A 412 -2.59 -14.60 -23.75
N SER A 413 -3.16 -15.15 -22.68
CA SER A 413 -3.18 -14.55 -21.33
C SER A 413 -1.80 -14.49 -20.71
N LEU A 414 -0.90 -15.41 -20.99
CA LEU A 414 0.46 -15.43 -20.47
C LEU A 414 1.43 -14.48 -21.20
N LEU A 415 1.10 -13.90 -22.33
CA LEU A 415 1.98 -12.98 -23.06
C LEU A 415 1.82 -11.53 -22.61
N ASP A 416 2.26 -11.25 -21.40
CA ASP A 416 2.19 -9.96 -20.71
C ASP A 416 3.43 -9.12 -20.87
N THR A 417 3.67 -8.73 -22.15
CA THR A 417 4.77 -7.84 -22.56
C THR A 417 4.58 -6.44 -22.03
N PRO A 418 3.40 -5.83 -21.91
CA PRO A 418 3.22 -4.51 -21.30
C PRO A 418 3.73 -4.39 -19.86
N ARG A 419 3.65 -5.43 -19.05
CA ARG A 419 4.11 -5.54 -17.65
C ARG A 419 5.63 -5.54 -17.67
N ILE A 420 6.26 -6.24 -18.61
CA ILE A 420 7.73 -6.27 -18.78
C ILE A 420 8.19 -4.84 -19.07
N ASP A 421 7.53 -4.14 -20.00
CA ASP A 421 7.76 -2.75 -20.35
C ASP A 421 7.69 -1.92 -19.05
N TYR A 422 6.61 -2.04 -18.28
CA TYR A 422 6.42 -1.32 -17.02
C TYR A 422 7.56 -1.55 -16.03
N TYR A 423 7.94 -2.79 -15.73
CA TYR A 423 9.04 -3.02 -14.79
C TYR A 423 10.37 -2.54 -15.32
N TYR A 424 10.70 -2.74 -16.59
CA TYR A 424 12.00 -2.30 -17.16
C TYR A 424 12.29 -0.81 -16.97
N ARG A 425 11.39 0.07 -17.37
CA ARG A 425 11.54 1.53 -17.28
C ARG A 425 11.45 2.04 -15.85
N HIS A 426 10.59 1.46 -15.02
CA HIS A 426 10.52 1.91 -13.60
C HIS A 426 11.81 1.57 -12.87
N LEU A 427 12.36 0.37 -13.08
CA LEU A 427 13.62 -0.11 -12.50
C LEU A 427 14.80 0.74 -13.00
N TYR A 428 14.78 1.18 -14.26
CA TYR A 428 15.82 2.07 -14.79
C TYR A 428 15.77 3.38 -14.01
N TYR A 429 14.62 4.00 -13.79
CA TYR A 429 14.50 5.27 -13.09
C TYR A 429 14.84 5.21 -11.60
N VAL A 430 14.61 4.07 -10.96
CA VAL A 430 14.99 3.79 -9.57
C VAL A 430 16.52 3.86 -9.54
N LEU A 431 17.20 3.21 -10.47
CA LEU A 431 18.66 3.22 -10.59
C LEU A 431 19.22 4.64 -10.74
N THR A 432 18.56 5.53 -11.48
CA THR A 432 19.00 6.92 -11.67
C THR A 432 18.80 7.71 -10.37
N ALA A 433 17.78 7.42 -9.58
CA ALA A 433 17.52 8.09 -8.29
C ALA A 433 18.62 7.73 -7.29
N ILE A 434 19.05 6.48 -7.27
CA ILE A 434 20.14 5.92 -6.44
C ILE A 434 21.47 6.60 -6.80
N GLY A 435 21.70 6.84 -8.09
CA GLY A 435 22.83 7.53 -8.68
C GLY A 435 22.91 8.98 -8.19
N ASP A 436 21.81 9.65 -7.97
CA ASP A 436 21.66 11.01 -7.48
C ASP A 436 21.54 11.16 -5.96
N GLY A 437 21.87 10.13 -5.20
CA GLY A 437 21.90 10.06 -3.78
C GLY A 437 20.74 9.58 -2.94
N VAL A 438 19.69 9.04 -3.54
CA VAL A 438 18.54 8.58 -2.73
C VAL A 438 18.95 7.26 -2.10
N ASN A 439 18.61 7.10 -0.82
CA ASN A 439 18.91 5.87 -0.07
C ASN A 439 17.81 4.80 -0.22
N VAL A 440 17.72 4.19 -1.38
CA VAL A 440 16.75 3.14 -1.71
C VAL A 440 17.49 1.84 -1.36
N LYS A 441 16.85 1.01 -0.55
CA LYS A 441 17.46 -0.26 -0.12
C LYS A 441 16.76 -1.51 -0.63
N GLY A 442 15.55 -1.36 -1.13
CA GLY A 442 14.83 -2.55 -1.65
C GLY A 442 13.67 -2.15 -2.56
N TYR A 443 13.13 -3.13 -3.24
CA TYR A 443 12.03 -2.98 -4.20
C TYR A 443 11.17 -4.23 -4.20
N PHE A 444 9.86 -4.02 -4.04
CA PHE A 444 8.83 -5.06 -3.97
C PHE A 444 7.76 -4.88 -5.06
N ALA A 445 7.60 -5.86 -5.91
CA ALA A 445 6.59 -5.82 -6.99
C ALA A 445 5.21 -6.19 -6.48
N TRP A 446 4.20 -5.47 -6.95
CA TRP A 446 2.80 -5.78 -6.61
C TRP A 446 2.24 -6.42 -7.92
N SER A 447 1.96 -7.69 -7.96
CA SER A 447 2.10 -8.74 -6.96
C SER A 447 2.59 -10.02 -7.61
N LEU A 448 2.86 -11.08 -6.88
CA LEU A 448 3.34 -12.32 -7.53
C LEU A 448 2.20 -13.03 -8.29
N PHE A 449 1.04 -13.12 -7.62
CA PHE A 449 -0.14 -13.78 -8.17
C PHE A 449 -1.32 -12.81 -8.40
N ASP A 450 -2.17 -13.18 -9.35
CA ASP A 450 -3.41 -12.46 -9.65
C ASP A 450 -4.30 -12.61 -8.39
N ASN A 451 -5.10 -11.60 -8.06
CA ASN A 451 -5.97 -11.62 -6.86
C ASN A 451 -7.14 -10.65 -6.95
N MET A 452 -7.93 -10.61 -5.88
CA MET A 452 -9.10 -9.74 -5.76
C MET A 452 -8.65 -8.29 -5.58
N GLU A 453 -9.04 -7.41 -6.48
CA GLU A 453 -8.63 -5.99 -6.34
C GLU A 453 -9.67 -5.11 -5.68
N TRP A 454 -9.92 -5.36 -4.38
CA TRP A 454 -10.86 -4.61 -3.54
C TRP A 454 -12.22 -4.48 -4.20
N ASP A 455 -12.75 -3.29 -4.39
CA ASP A 455 -14.05 -3.01 -5.02
C ASP A 455 -14.18 -3.32 -6.51
N SER A 456 -13.10 -3.54 -7.23
CA SER A 456 -13.00 -3.92 -8.64
C SER A 456 -13.17 -5.44 -8.82
N GLY A 457 -13.11 -6.16 -7.71
CA GLY A 457 -13.27 -7.61 -7.62
C GLY A 457 -12.15 -8.26 -8.41
N TYR A 458 -12.54 -9.25 -9.18
CA TYR A 458 -11.61 -10.03 -10.02
C TYR A 458 -11.64 -9.66 -11.51
N THR A 459 -12.02 -8.43 -11.82
CA THR A 459 -12.13 -7.86 -13.15
C THR A 459 -10.81 -7.42 -13.74
N VAL A 460 -9.75 -7.31 -12.95
CA VAL A 460 -8.39 -6.92 -13.26
C VAL A 460 -7.43 -7.93 -12.61
N ARG A 461 -6.26 -8.04 -13.22
CA ARG A 461 -5.15 -8.92 -12.85
C ARG A 461 -3.84 -8.15 -12.70
N PHE A 462 -3.22 -8.21 -11.52
CA PHE A 462 -1.95 -7.53 -11.20
C PHE A 462 -0.73 -8.45 -11.13
N GLY A 463 -0.91 -9.76 -11.24
CA GLY A 463 0.22 -10.66 -11.10
C GLY A 463 1.17 -10.95 -12.24
N LEU A 464 2.29 -11.51 -11.80
CA LEU A 464 3.43 -12.00 -12.59
C LEU A 464 3.09 -13.47 -12.93
N VAL A 465 2.23 -14.09 -12.15
CA VAL A 465 1.71 -15.45 -12.24
C VAL A 465 0.16 -15.41 -12.37
N PHE A 466 -0.32 -16.04 -13.42
CA PHE A 466 -1.75 -16.17 -13.74
C PHE A 466 -2.38 -17.22 -12.80
N VAL A 467 -3.57 -16.88 -12.32
CA VAL A 467 -4.34 -17.81 -11.44
C VAL A 467 -5.60 -18.21 -12.21
N ASP A 468 -5.78 -19.49 -12.42
CA ASP A 468 -6.98 -19.98 -13.13
C ASP A 468 -8.07 -20.18 -12.06
N PHE A 469 -8.96 -19.21 -11.97
CA PHE A 469 -10.10 -19.22 -11.03
C PHE A 469 -11.16 -20.25 -11.40
N LYS A 470 -11.22 -20.85 -12.56
CA LYS A 470 -12.20 -21.86 -12.94
C LYS A 470 -11.70 -23.29 -12.80
N ASN A 471 -10.44 -23.48 -12.46
CA ASN A 471 -9.85 -24.83 -12.34
C ASN A 471 -8.92 -24.96 -11.15
N ASN A 472 -9.48 -25.17 -9.97
CA ASN A 472 -8.73 -25.32 -8.72
C ASN A 472 -7.66 -24.28 -8.46
N LEU A 473 -7.86 -22.99 -8.75
CA LEU A 473 -6.92 -21.89 -8.59
C LEU A 473 -5.50 -22.21 -9.08
N LYS A 474 -5.29 -22.85 -10.20
CA LYS A 474 -4.02 -23.23 -10.78
C LYS A 474 -3.11 -22.03 -11.08
N ARG A 475 -1.85 -22.18 -10.75
CA ARG A 475 -0.81 -21.16 -10.93
C ARG A 475 -0.08 -21.39 -12.25
N HIS A 476 -0.10 -20.37 -13.11
CA HIS A 476 0.53 -20.43 -14.44
C HIS A 476 1.36 -19.15 -14.63
N PRO A 477 2.67 -19.26 -14.44
CA PRO A 477 3.58 -18.12 -14.59
C PRO A 477 3.48 -17.51 -15.99
N LYS A 478 3.36 -16.19 -15.98
CA LYS A 478 3.26 -15.38 -17.20
C LYS A 478 4.69 -15.16 -17.69
N LEU A 479 4.82 -14.56 -18.88
CA LEU A 479 6.14 -14.25 -19.48
C LEU A 479 6.99 -13.35 -18.58
N SER A 480 6.38 -12.38 -17.90
CA SER A 480 6.98 -11.47 -16.93
C SER A 480 7.59 -12.20 -15.73
N ALA A 481 7.11 -13.36 -15.29
CA ALA A 481 7.70 -14.14 -14.19
C ALA A 481 9.05 -14.71 -14.61
N HIS A 482 9.12 -15.23 -15.84
CA HIS A 482 10.30 -15.79 -16.49
C HIS A 482 11.35 -14.68 -16.72
N TRP A 483 10.89 -13.51 -17.16
CA TRP A 483 11.75 -12.35 -17.37
C TRP A 483 12.34 -11.90 -16.01
N PHE A 484 11.55 -11.83 -14.95
CA PHE A 484 12.01 -11.40 -13.62
C PHE A 484 12.97 -12.44 -13.05
N LYS A 485 12.75 -13.72 -13.22
CA LYS A 485 13.65 -14.80 -12.81
C LYS A 485 15.03 -14.63 -13.46
N SER A 486 15.12 -14.31 -14.75
CA SER A 486 16.37 -14.08 -15.49
C SER A 486 17.09 -12.82 -15.01
N PHE A 487 16.35 -11.79 -14.66
CA PHE A 487 16.83 -10.51 -14.11
C PHE A 487 17.55 -10.76 -12.78
N LEU A 488 17.05 -11.62 -11.93
CA LEU A 488 17.55 -12.02 -10.64
C LEU A 488 18.51 -13.19 -10.64
N LYS A 489 18.97 -13.72 -11.75
CA LYS A 489 19.83 -14.91 -11.78
C LYS A 489 21.33 -14.89 -11.69
N LYS A 490 21.99 -14.07 -10.89
CA LYS A 490 23.47 -14.20 -10.78
C LYS A 490 23.86 -13.76 -9.35
#